data_4YMR
#
_entry.id   4YMR
#
_cell.length_a   100.920
_cell.length_b   100.920
_cell.length_c   63.640
_cell.angle_alpha   90.00
_cell.angle_beta   90.00
_cell.angle_gamma   120.00
#
_symmetry.space_group_name_H-M   'P 32 2 1'
#
loop_
_entity.id
_entity.type
_entity.pdbx_description
1 polymer 'Protein Snx21'
2 water water
#
_entity_poly.entity_id   1
_entity_poly.type   'polypeptide(L)'
_entity_poly.pdbx_seq_one_letter_code
;MHHHHHHMGSVLPELRRAQSLTCTGLYREALALWANAWQLQTQLGTPSGPDRPLLTLAGLAVCHQELEDPGEARACSEKA
LQLLGDKRPHPFLAPFLEAHVRLSWRLGLDKRQSEAQLQALQEAGLTSTPPPSLKELLIKEVLD
;
_entity_poly.pdbx_strand_id   A,B
#
# COMPACT_ATOMS: atom_id res chain seq x y z
N VAL A 11 9.96 -5.61 9.51
CA VAL A 11 8.74 -6.41 9.56
C VAL A 11 8.57 -7.40 8.39
N LEU A 12 9.19 -7.10 7.25
CA LEU A 12 9.08 -7.92 6.04
C LEU A 12 9.70 -9.34 6.07
N PRO A 13 10.86 -9.53 6.73
CA PRO A 13 11.31 -10.92 6.89
C PRO A 13 10.30 -11.82 7.62
N GLU A 14 9.57 -11.24 8.57
CA GLU A 14 8.58 -11.98 9.36
C GLU A 14 7.34 -12.30 8.51
N LEU A 15 6.86 -11.31 7.77
CA LEU A 15 5.74 -11.50 6.85
C LEU A 15 6.06 -12.55 5.80
N ARG A 16 7.27 -12.49 5.25
CA ARG A 16 7.80 -13.48 4.32
C ARG A 16 7.67 -14.90 4.87
N ARG A 17 8.23 -15.14 6.06
CA ARG A 17 8.14 -16.44 6.70
C ARG A 17 6.68 -16.79 7.05
N ALA A 18 5.93 -15.86 7.62
CA ALA A 18 4.52 -16.11 7.92
C ALA A 18 3.75 -16.51 6.66
N GLN A 19 4.06 -15.86 5.54
CA GLN A 19 3.41 -16.19 4.28
C GLN A 19 3.72 -17.61 3.80
N SER A 20 4.98 -18.04 3.88
CA SER A 20 5.33 -19.37 3.39
C SER A 20 4.70 -20.45 4.27
N LEU A 21 4.80 -20.25 5.57
CA LEU A 21 4.18 -21.15 6.54
C LEU A 21 2.68 -21.33 6.31
N THR A 22 1.99 -20.24 5.98
CA THR A 22 0.55 -20.25 5.70
C THR A 22 0.24 -20.99 4.40
N CYS A 23 1.10 -20.81 3.41
CA CYS A 23 0.90 -21.45 2.12
C CYS A 23 1.17 -22.95 2.18
N THR A 24 2.06 -23.38 3.07
CA THR A 24 2.25 -24.81 3.29
C THR A 24 1.13 -25.45 4.13
N GLY A 25 0.60 -24.71 5.11
CA GLY A 25 -0.53 -25.19 5.90
C GLY A 25 -0.20 -25.28 7.39
N LEU A 26 0.92 -24.69 7.78
CA LEU A 26 1.32 -24.64 9.18
C LEU A 26 0.68 -23.43 9.85
N TYR A 27 -0.63 -23.48 10.05
CA TYR A 27 -1.39 -22.33 10.51
C TYR A 27 -1.03 -21.86 11.92
N ARG A 28 -0.85 -22.79 12.85
CA ARG A 28 -0.48 -22.43 14.22
C ARG A 28 0.90 -21.79 14.31
N GLU A 29 1.86 -22.32 13.55
CA GLU A 29 3.20 -21.70 13.47
C GLU A 29 3.10 -20.31 12.85
N ALA A 30 2.32 -20.20 11.78
CA ALA A 30 2.15 -18.93 11.06
C ALA A 30 1.51 -17.83 11.92
N LEU A 31 0.55 -18.21 12.75
CA LEU A 31 -0.25 -17.25 13.50
C LEU A 31 0.58 -16.30 14.37
N ALA A 32 1.47 -16.87 15.18
CA ALA A 32 2.36 -16.09 16.04
C ALA A 32 3.17 -15.06 15.26
N LEU A 33 3.70 -15.46 14.10
CA LEU A 33 4.48 -14.57 13.24
C LEU A 33 3.66 -13.38 12.70
N TRP A 34 2.50 -13.66 12.09
CA TRP A 34 1.59 -12.60 11.72
C TRP A 34 1.25 -11.67 12.90
N ALA A 35 1.10 -12.27 14.08
CA ALA A 35 0.59 -11.57 15.27
C ALA A 35 1.59 -10.57 15.81
N ASN A 36 2.85 -10.96 15.87
CA ASN A 36 3.93 -10.05 16.25
C ASN A 36 4.21 -8.97 15.20
N ALA A 37 4.19 -9.34 13.93
CA ALA A 37 4.28 -8.36 12.85
C ALA A 37 3.16 -7.33 12.93
N TRP A 38 1.95 -7.78 13.26
CA TRP A 38 0.83 -6.86 13.51
C TRP A 38 1.13 -5.87 14.64
N GLN A 39 1.58 -6.38 15.78
CA GLN A 39 2.01 -5.57 16.93
C GLN A 39 3.10 -4.54 16.57
N LEU A 40 4.16 -4.98 15.88
CA LEU A 40 5.19 -4.08 15.38
C LEU A 40 4.58 -2.88 14.64
N GLN A 41 3.76 -3.17 13.63
CA GLN A 41 3.17 -2.15 12.78
C GLN A 41 2.24 -1.19 13.52
N THR A 42 1.49 -1.71 14.48
CA THR A 42 0.41 -0.95 15.13
C THR A 42 0.90 0.18 16.05
N GLN A 43 2.11 0.06 16.56
CA GLN A 43 2.69 1.09 17.41
C GLN A 43 3.79 1.82 16.66
N LEU A 44 4.75 1.03 16.19
CA LEU A 44 5.95 1.54 15.52
C LEU A 44 5.68 1.83 14.04
N GLY A 45 4.78 2.78 13.78
CA GLY A 45 4.52 3.26 12.45
C GLY A 45 3.05 3.61 12.27
N THR A 46 2.24 3.16 13.23
CA THR A 46 0.77 3.10 13.11
C THR A 46 0.44 2.10 11.97
N PRO A 47 0.61 2.50 10.70
CA PRO A 47 1.28 1.50 9.86
C PRO A 47 2.44 2.14 9.10
N SER A 48 2.10 3.20 8.38
CA SER A 48 2.73 3.75 7.18
C SER A 48 1.70 3.53 6.06
N GLY A 49 2.06 2.75 5.04
CA GLY A 49 1.17 2.48 3.91
C GLY A 49 0.48 1.12 3.94
N PRO A 50 -0.87 1.13 3.90
CA PRO A 50 -1.89 0.14 4.31
C PRO A 50 -2.20 -1.08 3.40
N ASP A 51 -1.22 -1.63 2.69
CA ASP A 51 -1.39 -2.92 2.05
C ASP A 51 -0.73 -3.99 2.92
N ARG A 52 0.31 -3.56 3.64
CA ARG A 52 1.02 -4.40 4.59
C ARG A 52 0.18 -4.72 5.86
N PRO A 53 -0.50 -3.70 6.43
CA PRO A 53 -1.43 -4.03 7.51
C PRO A 53 -2.53 -4.98 7.04
N LEU A 54 -3.13 -4.68 5.90
CA LEU A 54 -4.16 -5.52 5.32
C LEU A 54 -3.68 -6.95 5.04
N LEU A 55 -2.45 -7.08 4.55
CA LEU A 55 -1.87 -8.40 4.32
C LEU A 55 -1.71 -9.17 5.64
N THR A 56 -1.27 -8.44 6.67
CA THR A 56 -1.14 -8.99 7.99
C THR A 56 -2.47 -9.49 8.55
N LEU A 57 -3.49 -8.66 8.47
CA LEU A 57 -4.84 -9.03 8.92
C LEU A 57 -5.41 -10.18 8.10
N ALA A 58 -5.09 -10.22 6.82
CA ALA A 58 -5.52 -11.36 6.03
C ALA A 58 -4.85 -12.64 6.56
N GLY A 59 -3.57 -12.54 6.95
CA GLY A 59 -2.83 -13.67 7.48
C GLY A 59 -3.47 -14.17 8.76
N LEU A 60 -3.71 -13.24 9.67
CA LEU A 60 -4.41 -13.52 10.92
C LEU A 60 -5.80 -14.15 10.72
N ALA A 61 -6.60 -13.55 9.85
CA ALA A 61 -7.97 -14.02 9.64
C ALA A 61 -8.00 -15.46 9.11
N VAL A 62 -7.13 -15.76 8.16
CA VAL A 62 -6.99 -17.11 7.61
C VAL A 62 -6.55 -18.12 8.63
N CYS A 63 -5.53 -17.77 9.40
CA CYS A 63 -4.99 -18.67 10.40
C CYS A 63 -6.00 -18.89 11.51
N HIS A 64 -6.62 -17.82 12.00
CA HIS A 64 -7.66 -17.99 12.98
C HIS A 64 -8.79 -18.90 12.48
N GLN A 65 -9.23 -18.72 11.23
CA GLN A 65 -10.30 -19.57 10.70
C GLN A 65 -9.93 -21.04 10.62
N GLU A 66 -8.69 -21.29 10.21
CA GLU A 66 -8.19 -22.65 10.11
C GLU A 66 -8.03 -23.34 11.47
N LEU A 67 -8.06 -22.56 12.56
CA LEU A 67 -7.63 -23.05 13.88
C LEU A 67 -8.59 -23.38 15.06
N GLU A 68 -9.90 -23.26 14.98
CA GLU A 68 -10.59 -22.28 14.24
C GLU A 68 -11.09 -21.37 15.37
N ASP A 69 -10.57 -20.14 15.42
CA ASP A 69 -11.14 -19.13 16.24
C ASP A 69 -11.93 -18.25 15.22
N PRO A 70 -13.19 -18.62 14.91
CA PRO A 70 -13.90 -17.77 13.96
C PRO A 70 -14.17 -16.37 14.54
N GLY A 71 -14.28 -16.26 15.87
CA GLY A 71 -14.43 -14.99 16.54
C GLY A 71 -13.23 -14.09 16.27
N GLU A 72 -12.02 -14.60 16.54
CA GLU A 72 -10.78 -13.86 16.26
C GLU A 72 -10.61 -13.52 14.77
N ALA A 73 -11.06 -14.42 13.90
CA ALA A 73 -11.04 -14.14 12.46
C ALA A 73 -12.00 -13.02 12.12
N ARG A 74 -13.16 -13.01 12.77
CA ARG A 74 -14.13 -11.95 12.50
C ARG A 74 -13.63 -10.57 13.01
N ALA A 75 -12.96 -10.56 14.16
CA ALA A 75 -12.32 -9.34 14.65
C ALA A 75 -11.31 -8.78 13.61
N CYS A 76 -10.51 -9.67 13.02
CA CYS A 76 -9.54 -9.26 12.01
C CYS A 76 -10.20 -8.62 10.81
N SER A 77 -11.29 -9.22 10.35
CA SER A 77 -12.08 -8.67 9.24
C SER A 77 -12.65 -7.31 9.54
N GLU A 78 -13.14 -7.12 10.77
CA GLU A 78 -13.66 -5.83 11.18
C GLU A 78 -12.56 -4.76 11.10
N LYS A 79 -11.40 -5.07 11.68
CA LYS A 79 -10.29 -4.12 11.67
C LYS A 79 -9.95 -3.73 10.23
N ALA A 80 -9.93 -4.73 9.34
CA ALA A 80 -9.58 -4.51 7.95
C ALA A 80 -10.57 -3.58 7.27
N LEU A 81 -11.86 -3.86 7.47
CA LEU A 81 -12.92 -3.08 6.83
C LEU A 81 -12.92 -1.64 7.31
N GLN A 82 -12.61 -1.43 8.60
CA GLN A 82 -12.35 -0.08 9.11
C GLN A 82 -11.24 0.61 8.35
N LEU A 83 -10.06 -0.01 8.31
CA LEU A 83 -8.95 0.56 7.55
C LEU A 83 -9.37 0.86 6.10
N LEU A 84 -10.02 -0.10 5.44
CA LEU A 84 -10.47 0.07 4.06
C LEU A 84 -11.50 1.18 3.91
N GLY A 85 -12.31 1.38 4.93
CA GLY A 85 -13.33 2.41 4.88
C GLY A 85 -12.81 3.80 5.23
N ASP A 86 -11.71 3.88 5.98
CA ASP A 86 -11.19 5.18 6.39
C ASP A 86 -10.60 5.96 5.21
N LYS A 87 -10.67 7.28 5.29
CA LYS A 87 -10.12 8.11 4.23
C LYS A 87 -8.65 8.35 4.51
N ARG A 88 -7.86 7.32 4.26
CA ARG A 88 -6.43 7.37 4.46
C ARG A 88 -5.72 7.32 3.12
N PRO A 89 -5.09 8.46 2.76
CA PRO A 89 -4.64 8.92 1.45
C PRO A 89 -3.58 8.06 0.75
N HIS A 90 -2.75 7.36 1.51
CA HIS A 90 -1.48 6.75 1.06
C HIS A 90 -0.36 7.77 1.22
N PRO A 91 0.70 7.39 1.95
CA PRO A 91 1.76 8.30 2.37
C PRO A 91 2.36 9.06 1.20
N PHE A 92 2.49 8.43 0.04
CA PHE A 92 3.09 9.07 -1.14
C PHE A 92 2.22 10.10 -1.87
N LEU A 93 0.96 10.28 -1.47
CA LEU A 93 0.08 11.22 -2.19
C LEU A 93 0.43 12.67 -1.91
N ALA A 94 0.66 12.98 -0.64
CA ALA A 94 1.09 14.34 -0.28
C ALA A 94 2.47 14.73 -0.84
N PRO A 95 3.49 13.84 -0.75
CA PRO A 95 4.81 14.14 -1.31
C PRO A 95 4.82 14.36 -2.81
N PHE A 96 3.98 13.62 -3.53
CA PHE A 96 3.83 13.82 -4.97
C PHE A 96 3.06 15.10 -5.34
N LEU A 97 1.97 15.40 -4.64
CA LEU A 97 1.29 16.66 -4.86
C LEU A 97 2.28 17.81 -4.72
N GLU A 98 3.06 17.80 -3.64
CA GLU A 98 4.05 18.85 -3.40
C GLU A 98 5.12 18.91 -4.50
N ALA A 99 5.61 17.75 -4.91
CA ALA A 99 6.62 17.70 -5.96
C ALA A 99 6.03 18.18 -7.28
N HIS A 100 4.76 17.87 -7.50
CA HIS A 100 4.03 18.33 -8.68
C HIS A 100 3.78 19.83 -8.71
N VAL A 101 3.44 20.40 -7.56
CA VAL A 101 3.24 21.86 -7.46
C VAL A 101 4.55 22.58 -7.70
N ARG A 102 5.62 22.07 -7.07
CA ARG A 102 6.95 22.64 -7.23
C ARG A 102 7.47 22.51 -8.67
N LEU A 103 7.31 21.33 -9.28
CA LEU A 103 7.81 21.09 -10.63
C LEU A 103 7.04 21.85 -11.71
N SER A 104 5.78 22.20 -11.41
CA SER A 104 4.96 23.03 -12.30
C SER A 104 5.46 24.48 -12.34
N TRP A 105 5.96 24.97 -11.21
CA TRP A 105 6.61 26.29 -11.12
C TRP A 105 7.89 26.35 -11.95
N ARG A 106 8.85 25.48 -11.65
CA ARG A 106 10.08 25.37 -12.43
C ARG A 106 9.84 25.34 -13.95
N LEU A 107 8.68 24.83 -14.37
CA LEU A 107 8.38 24.71 -15.79
C LEU A 107 7.36 25.73 -16.31
N GLY A 108 6.91 26.64 -15.44
CA GLY A 108 5.91 27.64 -15.83
C GLY A 108 4.53 27.09 -16.14
N LEU A 109 4.12 26.03 -15.45
CA LEU A 109 2.82 25.37 -15.73
C LEU A 109 1.86 25.53 -14.55
N ASP A 110 0.61 25.14 -14.76
CA ASP A 110 -0.48 25.36 -13.80
C ASP A 110 -0.34 24.53 -12.53
N LYS A 111 -0.60 25.15 -11.38
CA LYS A 111 -0.42 24.52 -10.07
C LYS A 111 -1.72 24.25 -9.36
N ARG A 112 -2.81 24.84 -9.83
CA ARG A 112 -3.93 25.02 -8.91
C ARG A 112 -4.89 23.84 -8.66
N GLN A 113 -4.69 22.72 -9.35
CA GLN A 113 -5.49 21.55 -9.05
C GLN A 113 -4.73 20.68 -8.09
N SER A 114 -3.41 20.70 -8.25
CA SER A 114 -2.51 20.02 -7.35
C SER A 114 -2.42 20.76 -6.01
N GLU A 115 -2.51 22.08 -6.08
CA GLU A 115 -2.54 22.93 -4.90
C GLU A 115 -3.81 22.67 -4.11
N ALA A 116 -4.96 22.92 -4.76
CA ALA A 116 -6.25 22.80 -4.10
C ALA A 116 -6.45 21.43 -3.46
N GLN A 117 -5.80 20.42 -4.02
CA GLN A 117 -5.92 19.07 -3.48
C GLN A 117 -5.05 18.91 -2.24
N LEU A 118 -3.87 19.53 -2.27
CA LEU A 118 -2.98 19.54 -1.10
C LEU A 118 -3.52 20.44 0.04
N GLN A 119 -4.34 21.42 -0.30
CA GLN A 119 -4.92 22.29 0.73
C GLN A 119 -6.25 21.77 1.24
N ALA A 120 -6.64 20.58 0.78
CA ALA A 120 -7.86 19.94 1.27
C ALA A 120 -7.46 18.80 2.17
N LEU A 121 -6.35 18.16 1.82
CA LEU A 121 -5.72 17.16 2.69
C LEU A 121 -5.19 17.82 3.97
N GLN A 122 -4.87 19.11 3.88
CA GLN A 122 -4.40 19.87 5.01
C GLN A 122 -5.57 20.46 5.83
N GLU A 123 -6.58 21.01 5.14
CA GLU A 123 -7.78 21.57 5.77
C GLU A 123 -8.71 20.52 6.38
N ALA A 124 -8.33 19.26 6.23
CA ALA A 124 -9.13 18.16 6.78
C ALA A 124 -8.26 17.25 7.62
N GLY A 125 -6.98 17.61 7.75
CA GLY A 125 -6.07 16.94 8.67
C GLY A 125 -5.27 15.74 8.19
N LEU A 126 -5.29 15.42 6.90
CA LEU A 126 -4.69 14.16 6.43
C LEU A 126 -3.17 14.18 6.16
N THR A 127 -2.58 15.36 6.21
CA THR A 127 -1.13 15.49 6.06
C THR A 127 -0.69 16.82 6.70
N SER A 128 0.59 16.96 6.99
CA SER A 128 1.09 18.19 7.61
C SER A 128 1.17 19.35 6.63
N THR A 129 0.95 20.58 7.10
CA THR A 129 1.47 21.70 6.32
C THR A 129 3.00 21.63 6.55
N PRO A 130 3.80 22.28 5.71
CA PRO A 130 4.70 21.49 4.85
C PRO A 130 4.50 19.96 5.01
N PRO A 131 4.00 19.32 3.94
CA PRO A 131 3.84 17.87 3.87
C PRO A 131 5.22 17.21 3.84
N PRO A 132 5.32 15.91 4.14
CA PRO A 132 6.60 15.20 4.01
C PRO A 132 7.07 15.28 2.57
N SER A 133 8.35 15.09 2.33
CA SER A 133 8.81 15.25 0.97
C SER A 133 9.11 13.91 0.33
N LEU A 134 9.25 13.93 -0.98
CA LEU A 134 9.56 12.76 -1.78
C LEU A 134 10.86 12.14 -1.29
N LYS A 135 11.85 13.00 -1.09
CA LYS A 135 13.17 12.61 -0.60
C LYS A 135 13.14 12.06 0.83
N GLU A 136 12.37 12.71 1.70
CA GLU A 136 12.19 12.24 3.09
C GLU A 136 11.70 10.80 3.14
N LEU A 137 10.60 10.55 2.43
CA LEU A 137 9.99 9.22 2.42
C LEU A 137 10.87 8.21 1.69
N LEU A 138 11.61 8.71 0.69
CA LEU A 138 12.56 7.87 -0.02
C LEU A 138 13.58 7.23 0.91
N ILE A 139 14.28 8.04 1.71
CA ILE A 139 15.32 7.53 2.60
C ILE A 139 14.79 6.78 3.85
N LYS A 140 13.64 7.21 4.37
CA LYS A 140 13.08 6.60 5.58
C LYS A 140 12.45 5.24 5.33
N GLU A 141 12.13 4.96 4.08
CA GLU A 141 11.59 3.67 3.70
C GLU A 141 12.60 2.55 3.94
N VAL A 142 12.19 1.51 4.67
CA VAL A 142 13.06 0.37 4.91
C VAL A 142 12.88 -0.69 3.83
N LEU A 143 13.99 -1.13 3.24
CA LEU A 143 13.96 -2.18 2.22
C LEU A 143 14.48 -3.51 2.81
N ASP A 144 13.55 -4.25 3.42
CA ASP A 144 13.81 -5.06 4.62
C ASP A 144 14.57 -6.39 4.46
N VAL B 11 14.03 -7.86 -7.48
CA VAL B 11 14.23 -6.45 -7.85
C VAL B 11 14.82 -5.67 -6.69
N LEU B 12 14.66 -6.20 -5.49
CA LEU B 12 15.03 -5.47 -4.28
C LEU B 12 16.50 -5.09 -4.16
N PRO B 13 17.44 -6.01 -4.51
CA PRO B 13 18.86 -5.62 -4.56
C PRO B 13 19.11 -4.31 -5.32
N GLU B 14 18.51 -4.15 -6.49
CA GLU B 14 18.65 -2.93 -7.30
C GLU B 14 18.04 -1.69 -6.64
N LEU B 15 16.95 -1.86 -5.90
CA LEU B 15 16.27 -0.74 -5.26
C LEU B 15 17.02 -0.23 -4.02
N ARG B 16 17.51 -1.14 -3.20
CA ARG B 16 18.25 -0.74 -2.02
C ARG B 16 19.60 -0.11 -2.39
N ARG B 17 20.15 -0.53 -3.53
CA ARG B 17 21.41 -0.02 -4.05
C ARG B 17 21.19 1.38 -4.62
N ALA B 18 20.02 1.57 -5.22
CA ALA B 18 19.60 2.86 -5.73
C ALA B 18 19.32 3.84 -4.59
N GLN B 19 18.61 3.37 -3.56
CA GLN B 19 18.31 4.19 -2.39
C GLN B 19 19.57 4.72 -1.67
N SER B 20 20.60 3.87 -1.58
CA SER B 20 21.80 4.27 -0.84
C SER B 20 22.62 5.33 -1.59
N LEU B 21 22.63 5.25 -2.93
CA LEU B 21 23.33 6.27 -3.73
C LEU B 21 22.57 7.61 -3.71
N THR B 22 21.24 7.54 -3.59
CA THR B 22 20.37 8.72 -3.53
C THR B 22 20.59 9.46 -2.20
N CYS B 23 20.67 8.69 -1.12
CA CYS B 23 21.06 9.20 0.19
C CYS B 23 22.52 9.74 0.24
N THR B 24 23.45 9.07 -0.46
CA THR B 24 24.85 9.55 -0.62
C THR B 24 24.99 10.81 -1.49
N GLY B 25 23.98 11.10 -2.30
CA GLY B 25 24.01 12.28 -3.14
C GLY B 25 24.58 12.03 -4.54
N LEU B 26 24.74 10.76 -4.89
CA LEU B 26 25.24 10.39 -6.21
C LEU B 26 24.03 10.13 -7.11
N TYR B 27 23.52 11.18 -7.74
CA TYR B 27 22.20 11.08 -8.35
C TYR B 27 22.23 10.45 -9.72
N ARG B 28 23.21 10.84 -10.53
CA ARG B 28 23.38 10.25 -11.84
C ARG B 28 23.50 8.73 -11.75
N GLU B 29 24.38 8.25 -10.87
CA GLU B 29 24.55 6.82 -10.61
C GLU B 29 23.26 6.13 -10.13
N ALA B 30 22.58 6.77 -9.19
CA ALA B 30 21.34 6.23 -8.62
C ALA B 30 20.20 6.26 -9.64
N LEU B 31 20.19 7.27 -10.51
CA LEU B 31 19.13 7.37 -11.52
C LEU B 31 19.19 6.16 -12.47
N ALA B 32 20.41 5.80 -12.84
CA ALA B 32 20.67 4.69 -13.75
C ALA B 32 20.08 3.41 -13.20
N LEU B 33 20.26 3.22 -11.89
CA LEU B 33 19.68 2.08 -11.17
C LEU B 33 18.15 2.18 -11.01
N TRP B 34 17.63 3.35 -10.63
CA TRP B 34 16.18 3.49 -10.46
C TRP B 34 15.48 3.18 -11.79
N ALA B 35 16.02 3.73 -12.86
CA ALA B 35 15.43 3.57 -14.19
C ALA B 35 15.45 2.11 -14.66
N ASN B 36 16.50 1.38 -14.30
CA ASN B 36 16.58 -0.03 -14.66
C ASN B 36 15.65 -0.88 -13.80
N ALA B 37 15.51 -0.50 -12.54
CA ALA B 37 14.59 -1.15 -11.63
C ALA B 37 13.14 -0.93 -12.06
N TRP B 38 12.90 0.18 -12.75
CA TRP B 38 11.56 0.50 -13.25
C TRP B 38 11.15 -0.43 -14.39
N GLN B 39 12.06 -0.61 -15.34
CA GLN B 39 11.75 -1.41 -16.52
C GLN B 39 11.86 -2.92 -16.26
N LEU B 40 12.38 -3.31 -15.09
CA LEU B 40 12.36 -4.72 -14.69
C LEU B 40 11.03 -5.07 -14.02
N GLN B 41 10.39 -4.05 -13.44
CA GLN B 41 9.07 -4.19 -12.85
C GLN B 41 8.02 -4.16 -13.94
N THR B 42 8.44 -3.70 -15.11
CA THR B 42 7.62 -3.81 -16.31
C THR B 42 7.53 -5.28 -16.75
N GLN B 43 8.61 -6.04 -16.53
CA GLN B 43 8.66 -7.46 -16.88
C GLN B 43 8.23 -8.37 -15.72
N GLY B 49 -0.17 -4.01 -6.72
CA GLY B 49 0.06 -3.35 -5.45
C GLY B 49 1.05 -2.19 -5.55
N PRO B 50 0.52 -0.95 -5.63
CA PRO B 50 1.31 0.26 -5.93
C PRO B 50 2.14 0.72 -4.73
N ASP B 51 3.38 0.26 -4.67
CA ASP B 51 4.30 0.67 -3.62
C ASP B 51 5.72 0.63 -4.13
N ARG B 52 6.16 -0.51 -4.66
CA ARG B 52 7.40 -0.53 -5.41
C ARG B 52 7.37 0.45 -6.60
N PRO B 53 6.29 0.44 -7.42
CA PRO B 53 6.17 1.46 -8.47
C PRO B 53 6.22 2.90 -7.93
N LEU B 54 5.37 3.22 -6.96
CA LEU B 54 5.39 4.54 -6.34
C LEU B 54 6.77 4.96 -5.84
N LEU B 55 7.50 4.01 -5.28
CA LEU B 55 8.83 4.27 -4.73
C LEU B 55 9.90 4.42 -5.80
N THR B 56 9.79 3.64 -6.87
CA THR B 56 10.70 3.84 -7.99
C THR B 56 10.46 5.22 -8.61
N LEU B 57 9.18 5.59 -8.74
CA LEU B 57 8.82 6.87 -9.34
C LEU B 57 9.30 8.04 -8.46
N ALA B 58 9.28 7.85 -7.15
CA ALA B 58 9.85 8.79 -6.21
C ALA B 58 11.38 8.86 -6.32
N GLY B 59 12.00 7.73 -6.64
CA GLY B 59 13.43 7.67 -6.85
C GLY B 59 13.80 8.44 -8.11
N LEU B 60 13.09 8.15 -9.19
CA LEU B 60 13.25 8.87 -10.44
C LEU B 60 12.95 10.37 -10.32
N ALA B 61 11.83 10.72 -9.69
CA ALA B 61 11.46 12.13 -9.53
C ALA B 61 12.48 12.92 -8.69
N VAL B 62 13.07 12.27 -7.68
CA VAL B 62 14.07 12.93 -6.82
C VAL B 62 15.41 13.10 -7.53
N CYS B 63 15.81 12.10 -8.31
CA CYS B 63 17.06 12.18 -9.06
C CYS B 63 16.97 13.09 -10.29
N HIS B 64 15.89 12.99 -11.06
CA HIS B 64 15.68 13.85 -12.22
C HIS B 64 15.74 15.30 -11.79
N GLN B 65 15.11 15.59 -10.65
CA GLN B 65 15.07 16.93 -10.09
C GLN B 65 16.45 17.45 -9.66
N GLU B 66 17.24 16.60 -9.01
CA GLU B 66 18.59 17.00 -8.54
C GLU B 66 19.55 17.25 -9.71
N LEU B 67 19.37 16.48 -10.79
CA LEU B 67 20.15 16.60 -12.02
C LEU B 67 19.56 17.66 -12.96
N GLU B 68 18.58 18.39 -12.46
CA GLU B 68 17.93 19.47 -13.19
C GLU B 68 17.36 19.04 -14.53
N ASP B 69 16.67 17.91 -14.51
CA ASP B 69 15.79 17.50 -15.60
C ASP B 69 14.37 17.51 -15.04
N PRO B 70 13.81 18.72 -14.82
CA PRO B 70 12.53 18.89 -14.13
C PRO B 70 11.34 18.26 -14.87
N GLY B 71 11.43 18.22 -16.20
CA GLY B 71 10.36 17.66 -17.01
C GLY B 71 10.19 16.16 -16.87
N GLU B 72 11.31 15.43 -16.83
CA GLU B 72 11.25 13.99 -16.58
C GLU B 72 10.69 13.72 -15.18
N ALA B 73 11.02 14.60 -14.24
CA ALA B 73 10.62 14.47 -12.84
C ALA B 73 9.11 14.66 -12.70
N ARG B 74 8.61 15.73 -13.33
CA ARG B 74 7.18 16.01 -13.48
C ARG B 74 6.44 14.88 -14.21
N ALA B 75 7.05 14.32 -15.26
CA ALA B 75 6.47 13.15 -15.94
C ALA B 75 6.29 11.98 -14.97
N CYS B 76 7.38 11.61 -14.28
CA CYS B 76 7.36 10.60 -13.23
C CYS B 76 6.30 10.88 -12.17
N SER B 77 6.17 12.15 -11.79
CA SER B 77 5.24 12.51 -10.74
C SER B 77 3.81 12.52 -11.28
N GLU B 78 3.68 12.67 -12.59
CA GLU B 78 2.41 12.56 -13.26
C GLU B 78 1.90 11.11 -13.26
N LYS B 79 2.77 10.16 -13.64
CA LYS B 79 2.41 8.75 -13.56
C LYS B 79 2.00 8.42 -12.12
N ALA B 80 2.80 8.84 -11.16
CA ALA B 80 2.53 8.55 -9.76
C ALA B 80 1.14 9.04 -9.35
N LEU B 81 0.84 10.31 -9.64
CA LEU B 81 -0.50 10.82 -9.40
C LEU B 81 -1.59 10.04 -10.18
N GLN B 82 -1.25 9.45 -11.33
CA GLN B 82 -2.19 8.56 -12.02
C GLN B 82 -2.43 7.29 -11.21
N LEU B 83 -1.36 6.59 -10.85
CA LEU B 83 -1.47 5.34 -10.10
C LEU B 83 -2.22 5.49 -8.80
N LEU B 84 -2.18 6.70 -8.26
CA LEU B 84 -2.76 6.98 -6.96
C LEU B 84 -4.22 7.40 -7.09
N GLY B 85 -4.59 7.84 -8.28
CA GLY B 85 -5.96 8.27 -8.52
C GLY B 85 -6.86 7.11 -8.89
N ASP B 86 -6.29 5.90 -8.94
CA ASP B 86 -7.00 4.69 -9.35
C ASP B 86 -8.31 4.54 -8.62
N LYS B 87 -9.38 4.22 -9.37
CA LYS B 87 -10.71 4.12 -8.78
C LYS B 87 -11.17 2.69 -8.52
N ARG B 88 -10.36 1.70 -8.90
CA ARG B 88 -10.71 0.31 -8.62
C ARG B 88 -10.76 0.07 -7.13
N PRO B 89 -11.66 -0.81 -6.67
CA PRO B 89 -11.71 -1.18 -5.25
C PRO B 89 -10.41 -1.78 -4.82
N HIS B 90 -9.99 -1.49 -3.60
CA HIS B 90 -8.83 -2.19 -3.06
C HIS B 90 -9.04 -3.70 -3.22
N PRO B 91 -8.03 -4.41 -3.73
CA PRO B 91 -8.15 -5.85 -3.96
C PRO B 91 -8.59 -6.65 -2.72
N PHE B 92 -8.30 -6.13 -1.54
CA PHE B 92 -8.62 -6.85 -0.32
C PHE B 92 -10.02 -6.61 0.17
N LEU B 93 -10.71 -5.63 -0.42
CA LEU B 93 -12.04 -5.25 0.04
C LEU B 93 -13.06 -6.40 -0.09
N ALA B 94 -13.20 -6.96 -1.28
CA ALA B 94 -14.18 -8.04 -1.46
C ALA B 94 -13.85 -9.29 -0.62
N PRO B 95 -12.59 -9.77 -0.64
CA PRO B 95 -12.28 -10.95 0.19
C PRO B 95 -12.64 -10.70 1.63
N PHE B 96 -12.43 -9.47 2.05
CA PHE B 96 -12.70 -9.15 3.43
C PHE B 96 -14.19 -9.11 3.78
N LEU B 97 -15.01 -8.55 2.90
CA LEU B 97 -16.46 -8.57 3.07
C LEU B 97 -16.99 -10.00 3.04
N GLU B 98 -16.40 -10.84 2.20
CA GLU B 98 -16.88 -12.21 2.09
C GLU B 98 -16.66 -12.90 3.42
N ALA B 99 -15.44 -12.76 3.93
CA ALA B 99 -15.04 -13.29 5.22
C ALA B 99 -15.97 -12.76 6.32
N HIS B 100 -16.29 -11.48 6.27
CA HIS B 100 -17.13 -10.88 7.30
C HIS B 100 -18.57 -11.40 7.26
N VAL B 101 -19.11 -11.57 6.06
CA VAL B 101 -20.47 -12.07 5.89
C VAL B 101 -20.55 -13.49 6.40
N ARG B 102 -19.69 -14.36 5.86
CA ARG B 102 -19.61 -15.76 6.25
C ARG B 102 -19.46 -15.94 7.77
N LEU B 103 -18.57 -15.18 8.38
CA LEU B 103 -18.28 -15.38 9.80
C LEU B 103 -19.43 -14.86 10.67
N SER B 104 -20.05 -13.74 10.26
CA SER B 104 -21.19 -13.17 10.95
C SER B 104 -22.38 -14.12 10.98
N TRP B 105 -22.60 -14.79 9.87
CA TRP B 105 -23.64 -15.80 9.77
C TRP B 105 -23.35 -16.97 10.70
N ARG B 106 -22.16 -17.56 10.57
CA ARG B 106 -21.70 -18.63 11.47
C ARG B 106 -21.92 -18.27 12.93
N LEU B 107 -21.68 -17.01 13.30
CA LEU B 107 -21.68 -16.64 14.69
C LEU B 107 -22.98 -15.97 15.12
N GLY B 108 -23.97 -15.96 14.24
CA GLY B 108 -25.25 -15.34 14.52
C GLY B 108 -25.20 -13.84 14.72
N LEU B 109 -24.32 -13.16 14.00
CA LEU B 109 -24.22 -11.70 14.13
C LEU B 109 -24.66 -11.04 12.83
N ASP B 110 -24.84 -9.73 12.87
CA ASP B 110 -25.43 -8.99 11.76
C ASP B 110 -24.48 -8.85 10.56
N LYS B 111 -24.96 -9.25 9.37
CA LYS B 111 -24.16 -9.16 8.15
C LYS B 111 -24.82 -8.26 7.11
N ARG B 112 -25.95 -7.67 7.43
CA ARG B 112 -26.71 -6.93 6.41
C ARG B 112 -25.91 -5.87 5.66
N GLN B 113 -25.16 -5.06 6.40
CA GLN B 113 -24.44 -3.95 5.80
C GLN B 113 -23.31 -4.43 4.91
N SER B 114 -22.55 -5.39 5.42
CA SER B 114 -21.36 -5.79 4.72
C SER B 114 -21.80 -6.60 3.51
N GLU B 115 -22.80 -7.45 3.71
CA GLU B 115 -23.39 -8.20 2.59
C GLU B 115 -23.98 -7.32 1.49
N ALA B 116 -24.59 -6.20 1.86
CA ALA B 116 -25.14 -5.30 0.86
C ALA B 116 -24.02 -4.73 0.02
N GLN B 117 -22.93 -4.38 0.68
CA GLN B 117 -21.76 -3.81 0.02
C GLN B 117 -21.12 -4.82 -0.94
N LEU B 118 -20.95 -6.04 -0.47
CA LEU B 118 -20.45 -7.11 -1.33
C LEU B 118 -21.35 -7.31 -2.57
N GLN B 119 -22.65 -7.44 -2.35
CA GLN B 119 -23.60 -7.66 -3.43
C GLN B 119 -23.58 -6.55 -4.48
N ALA B 120 -23.39 -5.31 -4.04
CA ALA B 120 -23.33 -4.22 -4.99
C ALA B 120 -22.06 -4.34 -5.85
N LEU B 121 -20.92 -4.69 -5.24
CA LEU B 121 -19.68 -4.90 -5.99
C LEU B 121 -19.81 -6.05 -6.99
N GLN B 122 -20.58 -7.06 -6.63
CA GLN B 122 -20.72 -8.24 -7.46
C GLN B 122 -21.59 -7.95 -8.69
N GLU B 123 -22.66 -7.19 -8.44
CA GLU B 123 -23.64 -6.81 -9.44
C GLU B 123 -23.06 -5.87 -10.49
N ALA B 124 -22.10 -5.05 -10.05
CA ALA B 124 -21.47 -4.05 -10.91
C ALA B 124 -20.27 -4.62 -11.65
N GLY B 125 -20.00 -5.90 -11.44
CA GLY B 125 -18.82 -6.56 -11.96
C GLY B 125 -17.47 -6.12 -11.36
N LEU B 126 -17.49 -5.52 -10.17
CA LEU B 126 -16.26 -5.02 -9.53
C LEU B 126 -15.52 -6.11 -8.74
N THR B 127 -16.14 -7.27 -8.58
CA THR B 127 -15.46 -8.43 -8.05
C THR B 127 -16.18 -9.68 -8.57
N SER B 128 -15.62 -10.88 -8.31
CA SER B 128 -16.20 -12.15 -8.75
C SER B 128 -17.37 -12.50 -7.86
N THR B 129 -18.30 -13.32 -8.38
CA THR B 129 -19.65 -13.44 -7.80
C THR B 129 -19.77 -14.43 -6.65
N PRO B 130 -18.84 -15.42 -6.59
CA PRO B 130 -18.20 -15.77 -5.31
C PRO B 130 -16.80 -15.13 -5.36
N PRO B 131 -16.54 -14.15 -4.49
CA PRO B 131 -15.32 -13.31 -4.56
C PRO B 131 -14.02 -14.07 -4.28
N PRO B 132 -12.87 -13.44 -4.57
CA PRO B 132 -11.64 -14.14 -4.22
C PRO B 132 -11.55 -14.28 -2.70
N SER B 133 -10.97 -15.36 -2.23
CA SER B 133 -10.90 -15.64 -0.80
C SER B 133 -9.63 -14.99 -0.26
N LEU B 134 -9.58 -14.84 1.06
CA LEU B 134 -8.40 -14.25 1.70
C LEU B 134 -7.14 -15.04 1.36
N LYS B 135 -7.24 -16.37 1.44
CA LYS B 135 -6.14 -17.27 1.09
C LYS B 135 -5.56 -17.08 -0.33
N GLU B 136 -6.43 -16.90 -1.32
CA GLU B 136 -5.99 -16.61 -2.69
C GLU B 136 -5.03 -15.44 -2.73
N LEU B 137 -5.47 -14.29 -2.22
CA LEU B 137 -4.65 -13.09 -2.22
C LEU B 137 -3.39 -13.26 -1.35
N LEU B 138 -3.50 -14.05 -0.28
CA LEU B 138 -2.35 -14.37 0.54
C LEU B 138 -1.24 -15.06 -0.27
N ILE B 139 -1.65 -16.08 -1.03
CA ILE B 139 -0.78 -16.85 -1.92
C ILE B 139 -0.16 -15.98 -3.03
N LYS B 140 -1.02 -15.24 -3.75
CA LYS B 140 -0.60 -14.52 -4.95
C LYS B 140 0.28 -13.31 -4.67
N GLU B 141 0.28 -12.80 -3.45
CA GLU B 141 1.09 -11.64 -3.12
C GLU B 141 2.59 -11.93 -3.05
N VAL B 142 3.38 -11.02 -3.60
CA VAL B 142 4.82 -11.20 -3.66
C VAL B 142 5.50 -10.24 -2.70
N LEU B 143 6.37 -10.78 -1.86
CA LEU B 143 7.08 -9.96 -0.87
C LEU B 143 8.58 -9.83 -1.19
N ASP B 144 9.01 -10.42 -2.30
CA ASP B 144 10.37 -10.20 -2.79
C ASP B 144 10.35 -9.29 -4.01
#